data_2G9Z
#
_entry.id   2G9Z
#
_cell.length_a   50.825
_cell.length_b   60.331
_cell.length_c   63.722
_cell.angle_alpha   66.14
_cell.angle_beta   89.94
_cell.angle_gamma   65.07
#
_symmetry.space_group_name_H-M   'P 1'
#
loop_
_entity.id
_entity.type
_entity.pdbx_description
1 polymer 'thiamine pyrophosphokinase'
2 non-polymer 'MAGNESIUM ION'
3 non-polymer 'CHLORIDE ION'
4 non-polymer 'PHOSPHATE ION'
5 non-polymer '3-[(4-AMINO-2-METHYLPYRIMIDIN-5-YL)METHYL]-5-(2-{[HYDROXY(PHOSPHONOAMINO)PHOSPHORYL]OXY}ETHYL)-4-METHYL-1,3-THIAZOL-3-I UM'
6 water water
#
_entity_poly.entity_id   1
_entity_poly.type   'polypeptide(L)'
_entity_poly.pdbx_seq_one_letter_code
;MAHHHHHHGHHHQLSEDSELIEQVIEQPDSLIISPPSDSSSSSYNHIQPFVYLESTATTQTNHNVLLILNQKITIDLISL
WKKCEIIVCADGGANSLYEYFNDNNHHHHHENLQRSDYIPDYIVGDFDSISPDVKTYYESHGSKIIRQSSQYYNDFTKSI
HCIQLHYQLNHTKENWFESIDEVDGLAKLWNGLNNSSDVVVDIDITIYVLNAIGGRFDQTVQSINQLYIMNEDYPKVTVF
FITTNDIIFLLKKGVNYISYKNRLMFHKDNGSSPTPTCGLLPLSNKTPIILNSYGLKYDMRNWKTEMLGQVSSSNRISGE
TGFIVECSDDIVMNIEIDVQLDGDLEAA
;
_entity_poly.pdbx_strand_id   A,B
#
# COMPACT_ATOMS: atom_id res chain seq x y z
N SER A 18 1.14 18.93 -21.63
CA SER A 18 1.06 19.96 -22.71
C SER A 18 0.62 21.30 -22.13
N GLU A 19 -0.02 22.10 -22.97
CA GLU A 19 -0.50 23.41 -22.58
C GLU A 19 -2.00 23.33 -22.26
N LEU A 20 -2.61 22.20 -22.57
CA LEU A 20 -4.03 22.01 -22.31
C LEU A 20 -4.33 22.13 -20.82
N ILE A 21 -5.47 22.76 -20.50
CA ILE A 21 -5.86 22.93 -19.11
C ILE A 21 -6.15 21.58 -18.46
N GLU A 22 -5.65 21.41 -17.23
CA GLU A 22 -5.89 20.18 -16.49
C GLU A 22 -7.23 20.38 -15.82
N GLN A 23 -8.26 19.76 -16.36
CA GLN A 23 -9.62 19.91 -15.84
C GLN A 23 -10.14 18.77 -14.98
N VAL A 24 -11.00 19.14 -14.03
CA VAL A 24 -11.68 18.19 -13.15
C VAL A 24 -13.15 18.60 -13.21
N ILE A 25 -13.99 17.70 -13.69
CA ILE A 25 -15.40 17.97 -13.83
C ILE A 25 -16.25 17.22 -12.80
N GLU A 26 -16.97 17.96 -11.97
CA GLU A 26 -17.83 17.33 -10.98
C GLU A 26 -19.07 16.85 -11.74
N GLN A 27 -19.24 15.53 -11.77
CA GLN A 27 -20.36 14.92 -12.46
C GLN A 27 -21.50 14.58 -11.51
N PRO A 28 -22.67 14.24 -12.06
CA PRO A 28 -23.79 13.88 -11.17
C PRO A 28 -23.45 12.48 -10.65
N ASP A 29 -24.15 12.05 -9.61
CA ASP A 29 -23.88 10.75 -9.02
C ASP A 29 -24.13 9.58 -9.96
N SER A 30 -24.93 9.79 -10.99
CA SER A 30 -25.21 8.72 -11.92
C SER A 30 -25.11 9.21 -13.35
N LEU A 31 -24.49 8.40 -14.19
CA LEU A 31 -24.30 8.72 -15.59
C LEU A 31 -24.32 7.43 -16.38
N ILE A 32 -24.56 7.55 -17.68
CA ILE A 32 -24.52 6.39 -18.55
C ILE A 32 -23.43 6.73 -19.56
N ILE A 33 -22.40 5.88 -19.61
CA ILE A 33 -21.31 6.08 -20.53
C ILE A 33 -21.40 5.00 -21.59
N SER A 34 -21.40 5.40 -22.85
CA SER A 34 -21.47 4.43 -23.93
C SER A 34 -20.06 3.92 -24.21
N PRO A 35 -19.93 2.65 -24.64
CA PRO A 35 -18.61 2.09 -24.94
C PRO A 35 -17.90 2.92 -26.00
N PRO A 36 -16.56 2.91 -26.00
CA PRO A 36 -15.78 3.67 -26.97
C PRO A 36 -16.06 3.23 -28.40
N SER A 43 -9.47 1.16 -31.24
CA SER A 43 -9.44 0.00 -30.35
C SER A 43 -9.15 0.44 -28.93
N TYR A 44 -9.73 -0.26 -27.96
CA TYR A 44 -9.52 0.05 -26.55
C TYR A 44 -9.39 -1.20 -25.71
N ASN A 45 -8.97 -1.02 -24.46
CA ASN A 45 -8.83 -2.14 -23.54
C ASN A 45 -10.12 -2.26 -22.76
N HIS A 46 -10.77 -3.42 -22.83
CA HIS A 46 -12.01 -3.65 -22.11
C HIS A 46 -11.69 -4.40 -20.83
N ILE A 47 -12.10 -3.84 -19.70
CA ILE A 47 -11.85 -4.45 -18.40
C ILE A 47 -13.18 -4.73 -17.69
N GLN A 48 -13.35 -5.95 -17.22
CA GLN A 48 -14.57 -6.36 -16.50
C GLN A 48 -14.09 -6.95 -15.18
N PRO A 49 -13.71 -6.08 -14.23
CA PRO A 49 -13.22 -6.49 -12.91
C PRO A 49 -14.14 -7.34 -12.04
N PHE A 50 -15.45 -7.18 -12.22
CA PHE A 50 -16.41 -7.88 -11.36
C PHE A 50 -17.12 -9.10 -11.91
N VAL A 51 -16.60 -9.67 -13.00
CA VAL A 51 -17.21 -10.87 -13.55
C VAL A 51 -17.25 -11.99 -12.52
N TYR A 52 -16.31 -11.97 -11.58
CA TYR A 52 -16.26 -13.02 -10.57
C TYR A 52 -17.36 -12.92 -9.50
N LEU A 53 -18.07 -11.80 -9.46
CA LEU A 53 -19.13 -11.60 -8.48
C LEU A 53 -20.50 -11.86 -9.10
N HIS A 63 -9.15 -18.51 -18.65
CA HIS A 63 -8.17 -19.19 -17.80
C HIS A 63 -7.99 -18.46 -16.48
N ASN A 64 -8.87 -18.77 -15.53
CA ASN A 64 -8.83 -18.15 -14.21
C ASN A 64 -7.93 -18.89 -13.23
N VAL A 65 -7.06 -18.13 -12.58
CA VAL A 65 -6.14 -18.67 -11.60
C VAL A 65 -6.34 -17.90 -10.31
N LEU A 66 -6.29 -18.61 -9.18
CA LEU A 66 -6.41 -18.00 -7.87
C LEU A 66 -5.07 -18.15 -7.15
N LEU A 67 -4.46 -17.03 -6.78
CA LEU A 67 -3.19 -17.04 -6.08
C LEU A 67 -3.47 -16.56 -4.66
N ILE A 68 -3.13 -17.39 -3.68
CA ILE A 68 -3.38 -17.05 -2.28
C ILE A 68 -2.13 -16.79 -1.46
N LEU A 69 -1.95 -15.54 -1.05
CA LEU A 69 -0.80 -15.19 -0.23
C LEU A 69 -1.14 -15.31 1.25
N ASN A 70 -0.18 -15.00 2.10
CA ASN A 70 -0.33 -15.14 3.54
C ASN A 70 -1.01 -14.05 4.37
N GLN A 71 -2.34 -14.14 4.45
CA GLN A 71 -3.16 -13.22 5.24
C GLN A 71 -4.53 -13.85 5.42
N LYS A 72 -5.20 -13.52 6.52
CA LYS A 72 -6.52 -14.10 6.79
C LYS A 72 -7.45 -13.81 5.62
N ILE A 73 -8.10 -14.86 5.13
CA ILE A 73 -9.03 -14.72 4.00
C ILE A 73 -10.40 -14.26 4.47
N THR A 74 -10.79 -13.06 4.02
CA THR A 74 -12.06 -12.46 4.41
C THR A 74 -13.13 -12.45 3.32
N ILE A 75 -12.77 -12.83 2.10
CA ILE A 75 -13.74 -12.85 1.00
C ILE A 75 -14.49 -14.17 0.92
N ASP A 76 -15.39 -14.26 -0.05
CA ASP A 76 -16.17 -15.46 -0.28
C ASP A 76 -15.27 -16.38 -1.12
N LEU A 77 -14.32 -17.01 -0.46
CA LEU A 77 -13.36 -17.90 -1.10
C LEU A 77 -13.96 -18.96 -2.00
N ILE A 78 -14.94 -19.71 -1.50
CA ILE A 78 -15.56 -20.78 -2.28
C ILE A 78 -16.13 -20.33 -3.62
N SER A 79 -16.79 -19.17 -3.64
CA SER A 79 -17.37 -18.66 -4.88
C SER A 79 -16.28 -18.39 -5.92
N LEU A 80 -15.19 -17.79 -5.48
CA LEU A 80 -14.08 -17.46 -6.36
C LEU A 80 -13.40 -18.75 -6.83
N TRP A 81 -13.09 -19.62 -5.87
CA TRP A 81 -12.44 -20.90 -6.15
C TRP A 81 -13.16 -21.65 -7.25
N LYS A 82 -14.47 -21.76 -7.13
CA LYS A 82 -15.29 -22.46 -8.12
C LYS A 82 -15.23 -21.87 -9.52
N LYS A 83 -14.67 -20.67 -9.63
CA LYS A 83 -14.56 -20.02 -10.94
C LYS A 83 -13.15 -20.13 -11.48
N CYS A 84 -12.26 -20.70 -10.68
CA CYS A 84 -10.87 -20.84 -11.09
C CYS A 84 -10.46 -22.25 -11.51
N GLU A 85 -9.64 -22.29 -12.55
CA GLU A 85 -9.12 -23.51 -13.13
C GLU A 85 -7.99 -24.07 -12.27
N ILE A 86 -7.09 -23.19 -11.84
CA ILE A 86 -5.95 -23.57 -11.00
C ILE A 86 -5.86 -22.66 -9.79
N ILE A 87 -5.50 -23.24 -8.64
CA ILE A 87 -5.34 -22.48 -7.41
C ILE A 87 -3.92 -22.69 -6.90
N VAL A 88 -3.24 -21.59 -6.57
CA VAL A 88 -1.87 -21.64 -6.07
C VAL A 88 -1.73 -20.91 -4.74
N CYS A 89 -1.08 -21.55 -3.77
CA CYS A 89 -0.84 -20.93 -2.48
C CYS A 89 0.64 -20.56 -2.40
N ALA A 90 0.91 -19.30 -2.09
CA ALA A 90 2.29 -18.85 -1.95
C ALA A 90 2.67 -19.06 -0.49
N ASP A 91 3.43 -20.12 -0.22
CA ASP A 91 3.90 -20.44 1.14
C ASP A 91 2.79 -20.27 2.19
N GLY A 92 2.94 -19.28 3.06
CA GLY A 92 1.96 -19.03 4.11
C GLY A 92 0.51 -19.01 3.64
N GLY A 93 0.30 -18.72 2.37
CA GLY A 93 -1.05 -18.69 1.84
C GLY A 93 -1.78 -20.00 2.08
N ALA A 94 -1.03 -21.09 2.27
CA ALA A 94 -1.62 -22.39 2.54
C ALA A 94 -2.28 -22.38 3.91
N ASN A 95 -1.62 -21.75 4.88
CA ASN A 95 -2.16 -21.64 6.23
C ASN A 95 -3.47 -20.87 6.18
N SER A 96 -3.44 -19.76 5.43
CA SER A 96 -4.62 -18.91 5.28
C SER A 96 -5.77 -19.73 4.72
N LEU A 97 -5.48 -20.55 3.72
CA LEU A 97 -6.50 -21.40 3.11
C LEU A 97 -7.00 -22.42 4.12
N TYR A 98 -6.06 -23.03 4.83
CA TYR A 98 -6.37 -24.04 5.83
C TYR A 98 -7.29 -23.48 6.93
N GLU A 99 -6.89 -22.38 7.53
CA GLU A 99 -7.64 -21.74 8.62
C GLU A 99 -9.02 -21.21 8.24
N TYR A 100 -9.23 -20.99 6.94
CA TYR A 100 -10.51 -20.48 6.46
C TYR A 100 -11.65 -21.43 6.84
N PHE A 101 -11.34 -22.71 6.94
CA PHE A 101 -12.33 -23.72 7.27
C PHE A 101 -12.49 -23.96 8.77
N ASN A 102 -11.61 -23.38 9.58
CA ASN A 102 -11.69 -23.53 11.03
C ASN A 102 -13.10 -23.20 11.52
N LEU A 113 -19.13 -26.68 4.59
CA LEU A 113 -17.93 -26.77 3.74
C LEU A 113 -16.92 -27.74 4.33
N GLN A 114 -16.26 -28.49 3.45
CA GLN A 114 -15.24 -29.44 3.86
C GLN A 114 -13.88 -28.91 3.40
N ARG A 115 -12.95 -28.76 4.33
CA ARG A 115 -11.62 -28.26 3.99
C ARG A 115 -11.01 -29.15 2.90
N SER A 116 -11.30 -30.45 2.97
CA SER A 116 -10.77 -31.41 2.01
C SER A 116 -11.27 -31.25 0.57
N ASP A 117 -12.32 -30.46 0.37
CA ASP A 117 -12.83 -30.26 -0.99
C ASP A 117 -12.12 -29.14 -1.73
N TYR A 118 -11.21 -28.46 -1.04
CA TYR A 118 -10.50 -27.35 -1.66
C TYR A 118 -9.00 -27.50 -1.47
N ILE A 119 -8.41 -28.38 -2.27
CA ILE A 119 -6.99 -28.63 -2.23
C ILE A 119 -6.33 -27.81 -3.32
N PRO A 120 -5.32 -27.00 -2.97
CA PRO A 120 -4.66 -26.18 -3.97
C PRO A 120 -3.82 -27.02 -4.94
N ASP A 121 -3.78 -26.60 -6.19
CA ASP A 121 -3.03 -27.31 -7.21
C ASP A 121 -1.53 -27.25 -6.91
N TYR A 122 -1.05 -26.08 -6.52
CA TYR A 122 0.36 -25.89 -6.20
C TYR A 122 0.56 -25.08 -4.93
N ILE A 123 1.64 -25.38 -4.21
CA ILE A 123 2.01 -24.66 -3.00
C ILE A 123 3.49 -24.38 -3.25
N VAL A 124 3.85 -23.11 -3.40
CA VAL A 124 5.25 -22.77 -3.67
C VAL A 124 5.85 -21.66 -2.82
N GLY A 125 7.19 -21.62 -2.79
CA GLY A 125 7.89 -20.61 -2.03
C GLY A 125 9.06 -21.19 -1.26
N ASP A 126 9.68 -20.41 -0.38
CA ASP A 126 10.80 -20.92 0.40
C ASP A 126 10.34 -21.65 1.64
N PHE A 127 9.03 -21.63 1.88
CA PHE A 127 8.40 -22.32 3.00
C PHE A 127 8.86 -21.94 4.41
N ASP A 128 9.05 -20.66 4.67
CA ASP A 128 9.46 -20.23 6.00
C ASP A 128 8.26 -19.70 6.78
N SER A 129 7.08 -19.77 6.19
CA SER A 129 5.87 -19.32 6.87
C SER A 129 4.83 -20.43 6.96
N ILE A 130 4.73 -21.27 5.94
CA ILE A 130 3.77 -22.37 5.96
C ILE A 130 4.04 -23.24 7.20
N SER A 131 2.99 -23.66 7.89
CA SER A 131 3.16 -24.48 9.07
C SER A 131 3.32 -25.95 8.69
N PRO A 132 4.19 -26.68 9.41
CA PRO A 132 4.45 -28.10 9.16
C PRO A 132 3.14 -28.87 8.98
N ASP A 133 2.22 -28.65 9.91
CA ASP A 133 0.91 -29.30 9.89
C ASP A 133 0.14 -29.04 8.60
N VAL A 134 0.03 -27.78 8.22
CA VAL A 134 -0.69 -27.42 7.01
C VAL A 134 0.03 -28.04 5.83
N LYS A 135 1.35 -27.89 5.80
CA LYS A 135 2.18 -28.43 4.74
C LYS A 135 1.89 -29.92 4.57
N THR A 136 2.03 -30.68 5.64
CA THR A 136 1.77 -32.11 5.57
C THR A 136 0.33 -32.39 5.15
N TYR A 137 -0.61 -31.60 5.65
CA TYR A 137 -2.01 -31.78 5.31
C TYR A 137 -2.25 -31.74 3.81
N TYR A 138 -1.85 -30.66 3.16
CA TYR A 138 -2.04 -30.53 1.72
C TYR A 138 -1.15 -31.46 0.92
N GLU A 139 0.05 -31.76 1.44
CA GLU A 139 0.94 -32.68 0.75
C GLU A 139 0.21 -34.03 0.70
N SER A 140 -0.47 -34.38 1.78
CA SER A 140 -1.19 -35.65 1.85
C SER A 140 -2.49 -35.63 1.03
N HIS A 141 -2.81 -34.47 0.45
CA HIS A 141 -4.02 -34.39 -0.35
C HIS A 141 -3.78 -34.14 -1.83
N GLY A 142 -2.52 -34.25 -2.26
CA GLY A 142 -2.22 -34.08 -3.66
C GLY A 142 -1.66 -32.75 -4.15
N SER A 143 -1.58 -31.76 -3.28
CA SER A 143 -1.04 -30.46 -3.69
C SER A 143 0.38 -30.65 -4.21
N LYS A 144 0.68 -30.01 -5.34
CA LYS A 144 2.02 -30.09 -5.92
C LYS A 144 2.91 -29.10 -5.18
N ILE A 145 3.91 -29.63 -4.49
CA ILE A 145 4.84 -28.83 -3.70
C ILE A 145 6.08 -28.39 -4.47
N ILE A 146 6.31 -27.09 -4.53
CA ILE A 146 7.49 -26.57 -5.21
C ILE A 146 8.27 -25.66 -4.28
N ARG A 147 9.26 -26.23 -3.60
CA ARG A 147 10.08 -25.45 -2.68
C ARG A 147 11.19 -24.72 -3.43
N GLN A 148 11.35 -23.45 -3.14
CA GLN A 148 12.37 -22.63 -3.78
C GLN A 148 13.04 -21.78 -2.70
N SER A 149 14.29 -22.08 -2.40
CA SER A 149 15.02 -21.38 -1.36
C SER A 149 15.70 -20.08 -1.79
N SER A 150 15.62 -19.72 -3.07
CA SER A 150 16.26 -18.50 -3.54
C SER A 150 15.96 -17.29 -2.66
N GLN A 151 17.00 -16.51 -2.40
CA GLN A 151 16.91 -15.31 -1.56
C GLN A 151 16.72 -14.04 -2.39
N TYR A 152 16.56 -14.20 -3.69
CA TYR A 152 16.42 -13.06 -4.57
C TYR A 152 15.05 -12.88 -5.20
N TYR A 153 14.16 -13.85 -4.99
CA TYR A 153 12.79 -13.79 -5.51
C TYR A 153 11.88 -14.11 -4.33
N ASN A 154 10.72 -13.44 -4.22
CA ASN A 154 9.82 -13.73 -3.11
C ASN A 154 8.79 -14.79 -3.51
N ASP A 155 7.98 -15.23 -2.55
CA ASP A 155 6.99 -16.26 -2.82
C ASP A 155 5.99 -15.87 -3.89
N PHE A 156 5.69 -14.57 -3.96
CA PHE A 156 4.74 -14.08 -4.95
C PHE A 156 5.27 -14.37 -6.36
N THR A 157 6.48 -13.91 -6.63
CA THR A 157 7.11 -14.10 -7.92
C THR A 157 7.30 -15.57 -8.26
N LYS A 158 7.77 -16.35 -7.29
CA LYS A 158 7.96 -17.78 -7.52
C LYS A 158 6.63 -18.42 -7.90
N SER A 159 5.54 -17.95 -7.29
CA SER A 159 4.22 -18.49 -7.60
C SER A 159 3.76 -18.10 -9.00
N ILE A 160 4.02 -16.85 -9.39
CA ILE A 160 3.64 -16.39 -10.72
C ILE A 160 4.38 -17.24 -11.76
N HIS A 161 5.67 -17.46 -11.53
CA HIS A 161 6.47 -18.26 -12.45
C HIS A 161 5.88 -19.67 -12.55
N CYS A 162 5.45 -20.21 -11.42
CA CYS A 162 4.85 -21.53 -11.40
C CYS A 162 3.58 -21.51 -12.25
N ILE A 163 2.81 -20.43 -12.13
CA ILE A 163 1.57 -20.30 -12.89
C ILE A 163 1.85 -20.22 -14.39
N GLN A 164 2.84 -19.41 -14.75
CA GLN A 164 3.21 -19.26 -16.14
C GLN A 164 3.75 -20.56 -16.71
N LEU A 165 4.58 -21.24 -15.92
CA LEU A 165 5.16 -22.51 -16.34
C LEU A 165 4.09 -23.59 -16.44
N HIS A 166 3.10 -23.56 -15.55
CA HIS A 166 2.03 -24.54 -15.58
C HIS A 166 1.31 -24.55 -16.93
N TYR A 167 0.93 -23.37 -17.42
CA TYR A 167 0.22 -23.27 -18.68
C TYR A 167 1.10 -23.56 -19.89
N GLN A 168 2.38 -23.76 -19.64
CA GLN A 168 3.29 -24.08 -20.73
C GLN A 168 3.64 -25.56 -20.75
N LEU A 169 3.91 -26.10 -19.56
CA LEU A 169 4.33 -27.49 -19.43
C LEU A 169 3.37 -28.52 -18.84
N ASN A 170 2.49 -28.10 -17.94
CA ASN A 170 1.61 -29.07 -17.30
C ASN A 170 0.78 -29.98 -18.21
N HIS A 171 0.17 -29.44 -19.25
CA HIS A 171 -0.63 -30.26 -20.15
C HIS A 171 0.23 -31.36 -20.76
N THR A 172 1.54 -31.18 -20.71
CA THR A 172 2.48 -32.16 -21.24
C THR A 172 2.75 -33.22 -20.17
N LYS A 173 3.19 -32.79 -18.99
CA LYS A 173 3.47 -33.70 -17.89
C LYS A 173 3.07 -33.10 -16.55
N GLU A 174 2.17 -33.80 -15.85
CA GLU A 174 1.66 -33.37 -14.56
C GLU A 174 2.73 -33.12 -13.49
N ASN A 175 3.90 -33.73 -13.66
CA ASN A 175 4.98 -33.57 -12.67
C ASN A 175 6.17 -32.79 -13.24
N TRP A 176 5.88 -31.86 -14.13
CA TRP A 176 6.91 -31.04 -14.76
C TRP A 176 7.78 -30.31 -13.74
N PHE A 177 7.21 -30.02 -12.57
CA PHE A 177 7.88 -29.29 -11.50
C PHE A 177 8.88 -30.09 -10.68
N GLU A 178 8.77 -31.41 -10.71
CA GLU A 178 9.67 -32.23 -9.92
C GLU A 178 11.08 -32.23 -10.53
N SER A 179 12.07 -32.36 -9.66
CA SER A 179 13.46 -32.39 -10.09
C SER A 179 14.01 -31.07 -10.62
N ILE A 180 13.29 -29.97 -10.41
CA ILE A 180 13.78 -28.66 -10.86
C ILE A 180 14.76 -28.21 -9.78
N ASP A 181 15.61 -27.25 -10.11
CA ASP A 181 16.57 -26.76 -9.14
C ASP A 181 15.83 -26.24 -7.90
N GLU A 182 16.34 -26.60 -6.73
CA GLU A 182 15.76 -26.23 -5.44
C GLU A 182 15.90 -24.77 -5.00
N VAL A 183 16.83 -24.05 -5.62
CA VAL A 183 17.04 -22.65 -5.27
C VAL A 183 16.16 -21.75 -6.13
N ASP A 184 16.37 -21.78 -7.43
CA ASP A 184 15.59 -20.93 -8.32
C ASP A 184 15.25 -21.64 -9.63
N GLY A 185 14.90 -22.92 -9.52
CA GLY A 185 14.57 -23.70 -10.70
C GLY A 185 13.44 -23.08 -11.52
N LEU A 186 12.41 -22.58 -10.84
CA LEU A 186 11.29 -21.96 -11.53
C LEU A 186 11.76 -20.77 -12.37
N ALA A 187 12.57 -19.93 -11.75
CA ALA A 187 13.10 -18.74 -12.42
C ALA A 187 13.96 -19.15 -13.60
N LYS A 188 14.84 -20.12 -13.37
CA LYS A 188 15.72 -20.62 -14.43
C LYS A 188 14.88 -21.19 -15.56
N LEU A 189 14.02 -22.15 -15.22
CA LEU A 189 13.17 -22.80 -16.21
C LEU A 189 12.41 -21.79 -17.07
N TRP A 190 11.76 -20.81 -16.45
CA TRP A 190 11.02 -19.82 -17.21
C TRP A 190 11.95 -19.10 -18.17
N ASN A 191 13.16 -18.82 -17.71
CA ASN A 191 14.16 -18.14 -18.53
C ASN A 191 14.66 -19.05 -19.66
N GLY A 192 15.07 -20.26 -19.29
CA GLY A 192 15.57 -21.20 -20.28
C GLY A 192 14.52 -21.55 -21.33
N LEU A 193 13.27 -21.67 -20.89
CA LEU A 193 12.17 -22.01 -21.79
C LEU A 193 12.02 -20.96 -22.87
N ASN A 194 12.25 -19.70 -22.52
CA ASN A 194 12.15 -18.60 -23.47
C ASN A 194 13.31 -18.59 -24.44
N ASN A 195 14.52 -18.84 -23.94
CA ASN A 195 15.70 -18.88 -24.79
C ASN A 195 15.60 -20.04 -25.76
N SER A 196 14.74 -20.99 -25.44
CA SER A 196 14.52 -22.17 -26.28
C SER A 196 13.32 -21.96 -27.20
N SER A 197 12.67 -20.81 -27.06
CA SER A 197 11.49 -20.46 -27.87
C SER A 197 10.37 -21.49 -27.77
N ASP A 198 10.23 -22.11 -26.60
CA ASP A 198 9.20 -23.12 -26.37
C ASP A 198 8.03 -22.52 -25.60
N VAL A 199 7.86 -21.21 -25.67
CA VAL A 199 6.80 -20.53 -24.95
C VAL A 199 5.61 -20.14 -25.83
N VAL A 200 4.41 -20.56 -25.41
CA VAL A 200 3.18 -20.23 -26.11
C VAL A 200 2.79 -18.81 -25.71
N VAL A 201 3.33 -17.85 -26.44
CA VAL A 201 3.08 -16.43 -26.16
C VAL A 201 1.62 -15.97 -26.26
N ASP A 202 0.75 -16.78 -26.85
CA ASP A 202 -0.64 -16.38 -26.99
C ASP A 202 -1.65 -17.15 -26.14
N ILE A 203 -1.76 -16.76 -24.88
CA ILE A 203 -2.71 -17.39 -23.97
C ILE A 203 -3.20 -16.37 -22.94
N ASP A 204 -4.51 -16.14 -22.93
CA ASP A 204 -5.13 -15.19 -22.03
C ASP A 204 -5.33 -15.78 -20.64
N ILE A 205 -4.69 -15.18 -19.66
CA ILE A 205 -4.78 -15.64 -18.28
C ILE A 205 -5.24 -14.51 -17.36
N THR A 206 -6.13 -14.85 -16.44
CA THR A 206 -6.65 -13.90 -15.47
C THR A 206 -6.26 -14.46 -14.10
N ILE A 207 -5.43 -13.73 -13.36
CA ILE A 207 -4.99 -14.16 -12.06
C ILE A 207 -5.57 -13.32 -10.93
N TYR A 208 -6.40 -13.94 -10.10
CA TYR A 208 -7.00 -13.27 -8.96
C TYR A 208 -6.04 -13.52 -7.80
N VAL A 209 -5.53 -12.44 -7.21
CA VAL A 209 -4.58 -12.56 -6.11
C VAL A 209 -5.17 -12.10 -4.78
N LEU A 210 -5.12 -12.98 -3.78
CA LEU A 210 -5.63 -12.65 -2.44
C LEU A 210 -4.48 -12.43 -1.45
N ASN A 211 -4.66 -11.49 -0.52
CA ASN A 211 -3.68 -11.22 0.54
C ASN A 211 -2.31 -10.65 0.13
N ALA A 212 -2.22 -10.06 -1.06
CA ALA A 212 -0.95 -9.50 -1.53
C ALA A 212 -0.84 -8.01 -1.19
N ILE A 213 -1.97 -7.43 -0.80
CA ILE A 213 -2.04 -6.02 -0.44
C ILE A 213 -2.52 -5.88 0.99
N GLY A 214 -2.10 -4.81 1.67
CA GLY A 214 -2.55 -4.57 3.03
C GLY A 214 -1.73 -5.12 4.17
N GLY A 215 -0.76 -5.99 3.87
CA GLY A 215 0.06 -6.55 4.93
C GLY A 215 1.34 -5.74 5.06
N ARG A 216 2.48 -6.43 5.18
CA ARG A 216 3.75 -5.74 5.29
C ARG A 216 3.87 -4.86 4.04
N PHE A 217 4.16 -3.58 4.25
CA PHE A 217 4.23 -2.62 3.16
C PHE A 217 5.18 -2.92 1.99
N ASP A 218 6.36 -3.48 2.28
CA ASP A 218 7.28 -3.78 1.19
C ASP A 218 6.71 -4.86 0.28
N GLN A 219 5.86 -5.73 0.84
CA GLN A 219 5.21 -6.78 0.09
C GLN A 219 4.16 -6.14 -0.83
N THR A 220 3.45 -5.17 -0.30
CA THR A 220 2.42 -4.46 -1.05
C THR A 220 3.09 -3.78 -2.24
N VAL A 221 4.18 -3.08 -1.99
CA VAL A 221 4.89 -2.38 -3.05
C VAL A 221 5.46 -3.34 -4.08
N GLN A 222 6.06 -4.44 -3.62
CA GLN A 222 6.62 -5.40 -4.55
C GLN A 222 5.51 -5.96 -5.45
N SER A 223 4.33 -6.20 -4.88
CA SER A 223 3.23 -6.74 -5.67
C SER A 223 2.84 -5.76 -6.78
N ILE A 224 2.77 -4.49 -6.43
CA ILE A 224 2.43 -3.47 -7.42
C ILE A 224 3.54 -3.43 -8.47
N ASN A 225 4.79 -3.49 -8.01
CA ASN A 225 5.91 -3.46 -8.93
C ASN A 225 5.75 -4.58 -9.96
N GLN A 226 5.45 -5.79 -9.48
CA GLN A 226 5.25 -6.94 -10.35
C GLN A 226 4.06 -6.76 -11.28
N LEU A 227 3.02 -6.09 -10.79
CA LEU A 227 1.83 -5.84 -11.61
C LEU A 227 2.25 -5.09 -12.88
N TYR A 228 3.03 -4.02 -12.70
CA TYR A 228 3.51 -3.20 -13.80
C TYR A 228 4.46 -3.97 -14.72
N ILE A 229 5.36 -4.73 -14.10
CA ILE A 229 6.34 -5.52 -14.86
C ILE A 229 5.65 -6.60 -15.68
N MET A 230 4.71 -7.30 -15.06
CA MET A 230 4.02 -8.37 -15.76
C MET A 230 3.23 -7.89 -16.97
N ASN A 231 2.66 -6.69 -16.88
CA ASN A 231 1.89 -6.18 -18.00
C ASN A 231 2.82 -5.77 -19.12
N GLU A 232 3.99 -5.30 -18.76
CA GLU A 232 4.97 -4.89 -19.74
C GLU A 232 5.50 -6.13 -20.48
N ASP A 233 5.77 -7.19 -19.71
CA ASP A 233 6.29 -8.42 -20.28
C ASP A 233 5.27 -9.43 -20.79
N TYR A 234 4.11 -9.50 -20.15
CA TYR A 234 3.06 -10.44 -20.53
C TYR A 234 1.70 -9.74 -20.54
N PRO A 235 1.45 -8.93 -21.57
CA PRO A 235 0.18 -8.19 -21.70
C PRO A 235 -1.09 -9.02 -21.71
N LYS A 236 -0.97 -10.30 -22.06
CA LYS A 236 -2.14 -11.18 -22.11
C LYS A 236 -2.56 -11.69 -20.73
N VAL A 237 -1.73 -11.46 -19.73
CA VAL A 237 -2.07 -11.87 -18.38
C VAL A 237 -2.71 -10.69 -17.67
N THR A 238 -3.94 -10.88 -17.20
CA THR A 238 -4.65 -9.82 -16.49
C THR A 238 -4.62 -10.16 -15.01
N VAL A 239 -4.08 -9.25 -14.20
CA VAL A 239 -3.99 -9.49 -12.78
C VAL A 239 -4.96 -8.64 -11.98
N PHE A 240 -5.67 -9.28 -11.07
CA PHE A 240 -6.61 -8.59 -10.20
C PHE A 240 -6.24 -8.88 -8.76
N PHE A 241 -5.95 -7.84 -7.99
CA PHE A 241 -5.65 -8.01 -6.58
C PHE A 241 -6.98 -7.79 -5.88
N ILE A 242 -7.47 -8.80 -5.17
CA ILE A 242 -8.72 -8.65 -4.44
C ILE A 242 -8.35 -8.58 -2.98
N THR A 243 -8.69 -7.47 -2.34
CA THR A 243 -8.37 -7.29 -0.93
C THR A 243 -9.64 -7.20 -0.11
N THR A 244 -9.47 -6.93 1.18
CA THR A 244 -10.59 -6.81 2.09
C THR A 244 -11.39 -5.55 1.78
N ASN A 245 -10.70 -4.55 1.25
CA ASN A 245 -11.35 -3.27 0.95
C ASN A 245 -11.65 -3.00 -0.51
N ASP A 246 -10.87 -3.56 -1.41
CA ASP A 246 -11.06 -3.28 -2.82
C ASP A 246 -10.48 -4.29 -3.80
N ILE A 247 -10.58 -3.94 -5.07
CA ILE A 247 -10.02 -4.73 -6.16
C ILE A 247 -9.05 -3.75 -6.84
N ILE A 248 -7.86 -4.23 -7.15
CA ILE A 248 -6.82 -3.41 -7.74
C ILE A 248 -6.36 -4.03 -9.05
N PHE A 249 -6.27 -3.20 -10.07
CA PHE A 249 -5.87 -3.68 -11.39
C PHE A 249 -5.16 -2.59 -12.16
N LEU A 250 -4.70 -2.94 -13.34
CA LEU A 250 -3.96 -1.99 -14.15
C LEU A 250 -4.75 -1.46 -15.33
N LEU A 251 -4.73 -0.15 -15.50
CA LEU A 251 -5.36 0.49 -16.63
C LEU A 251 -4.20 0.52 -17.61
N LYS A 252 -4.46 0.18 -18.87
CA LYS A 252 -3.39 0.15 -19.87
C LYS A 252 -3.28 1.41 -20.69
N LYS A 253 -2.04 1.78 -21.03
CA LYS A 253 -1.78 2.94 -21.86
C LYS A 253 -2.83 2.96 -22.98
N GLY A 254 -3.50 4.09 -23.14
CA GLY A 254 -4.52 4.20 -24.16
C GLY A 254 -5.89 4.30 -23.54
N VAL A 255 -6.92 3.92 -24.30
CA VAL A 255 -8.30 3.97 -23.81
C VAL A 255 -8.69 2.68 -23.08
N ASN A 256 -9.34 2.84 -21.93
CA ASN A 256 -9.80 1.71 -21.15
C ASN A 256 -11.30 1.87 -20.89
N TYR A 257 -12.05 0.81 -21.14
CA TYR A 257 -13.49 0.85 -20.87
C TYR A 257 -13.73 -0.17 -19.77
N ILE A 258 -14.12 0.31 -18.59
CA ILE A 258 -14.39 -0.56 -17.46
C ILE A 258 -15.90 -0.73 -17.39
N SER A 259 -16.38 -1.97 -17.49
CA SER A 259 -17.82 -2.21 -17.46
C SER A 259 -18.25 -3.25 -16.45
N TYR A 260 -19.53 -3.20 -16.08
CA TYR A 260 -20.14 -4.11 -15.12
C TYR A 260 -21.66 -4.01 -15.28
N LYS A 261 -22.38 -5.03 -14.82
CA LYS A 261 -23.85 -5.02 -14.93
C LYS A 261 -24.38 -3.70 -14.39
N ASN A 262 -24.03 -3.40 -13.15
CA ASN A 262 -24.38 -2.16 -12.49
C ASN A 262 -23.48 -2.04 -11.27
N ARG A 263 -23.57 -0.92 -10.56
CA ARG A 263 -22.72 -0.70 -9.40
C ARG A 263 -23.19 -1.48 -8.17
N LEU A 264 -24.44 -1.93 -8.18
CA LEU A 264 -24.98 -2.71 -7.06
C LEU A 264 -24.23 -4.03 -6.92
N MET A 265 -23.56 -4.43 -7.99
CA MET A 265 -22.80 -5.68 -7.97
C MET A 265 -21.67 -5.65 -6.96
N PHE A 266 -21.00 -4.50 -6.83
CA PHE A 266 -19.88 -4.38 -5.90
C PHE A 266 -20.01 -3.29 -4.86
N HIS A 267 -21.10 -2.54 -4.92
CA HIS A 267 -21.32 -1.46 -3.97
C HIS A 267 -22.68 -1.61 -3.30
N LYS A 268 -22.70 -2.32 -2.18
CA LYS A 268 -23.91 -2.55 -1.41
C LYS A 268 -24.74 -1.27 -1.41
N ASP A 269 -25.99 -1.38 -1.84
CA ASP A 269 -26.87 -0.21 -1.91
C ASP A 269 -26.56 0.83 -0.85
N ASN A 270 -26.32 2.06 -1.31
CA ASN A 270 -26.01 3.14 -0.41
C ASN A 270 -27.20 3.76 0.30
N GLY A 271 -27.24 5.08 0.27
CA GLY A 271 -28.29 5.84 0.92
C GLY A 271 -27.61 7.11 1.38
N SER A 272 -26.33 6.97 1.69
CA SER A 272 -25.49 8.08 2.13
C SER A 272 -24.20 7.99 1.33
N SER A 273 -24.18 7.02 0.41
CA SER A 273 -23.04 6.76 -0.47
C SER A 273 -23.58 6.33 -1.83
N PRO A 274 -24.01 7.30 -2.65
CA PRO A 274 -24.55 7.02 -3.97
C PRO A 274 -23.53 6.55 -5.00
N THR A 275 -22.26 6.51 -4.63
CA THR A 275 -21.24 6.09 -5.58
C THR A 275 -20.07 5.33 -4.98
N PRO A 276 -19.57 4.31 -5.71
CA PRO A 276 -18.43 3.49 -5.25
C PRO A 276 -17.18 4.36 -5.30
N THR A 277 -16.27 4.16 -4.36
CA THR A 277 -15.03 4.91 -4.32
C THR A 277 -13.94 4.26 -5.18
N CYS A 278 -13.07 5.07 -5.76
CA CYS A 278 -11.99 4.53 -6.59
C CYS A 278 -10.81 5.50 -6.60
N GLY A 279 -9.69 5.03 -7.14
CA GLY A 279 -8.50 5.86 -7.21
C GLY A 279 -7.64 5.49 -8.39
N LEU A 280 -6.84 6.44 -8.86
CA LEU A 280 -5.94 6.21 -9.98
C LEU A 280 -4.57 6.52 -9.39
N LEU A 281 -3.74 5.48 -9.29
CA LEU A 281 -2.44 5.62 -8.65
C LEU A 281 -1.22 5.47 -9.55
N PRO A 282 -0.51 6.58 -9.81
CA PRO A 282 0.69 6.59 -10.66
C PRO A 282 1.89 6.07 -9.90
N LEU A 283 1.97 4.74 -9.76
CA LEU A 283 3.05 4.10 -9.02
C LEU A 283 4.23 3.57 -9.85
N SER A 284 4.27 3.90 -11.14
CA SER A 284 5.37 3.42 -11.99
C SER A 284 6.48 4.45 -12.13
N ASN A 285 7.50 4.10 -12.92
CA ASN A 285 8.63 4.98 -13.16
C ASN A 285 8.39 5.87 -14.39
N LYS A 286 7.15 5.89 -14.86
CA LYS A 286 6.79 6.71 -16.00
C LYS A 286 5.90 7.84 -15.49
N THR A 287 6.47 9.04 -15.39
CA THR A 287 5.72 10.19 -14.89
C THR A 287 6.03 11.46 -15.67
N PRO A 288 5.04 12.35 -15.81
CA PRO A 288 3.68 12.19 -15.29
C PRO A 288 2.79 11.47 -16.27
N ILE A 289 1.61 11.05 -15.80
CA ILE A 289 0.65 10.35 -16.63
C ILE A 289 -0.54 11.28 -16.87
N ILE A 290 -0.93 11.42 -18.14
CA ILE A 290 -2.05 12.29 -18.48
C ILE A 290 -3.32 11.45 -18.49
N LEU A 291 -4.34 11.92 -17.79
CA LEU A 291 -5.61 11.20 -17.71
C LEU A 291 -6.82 11.94 -18.27
N ASN A 292 -7.74 11.17 -18.82
CA ASN A 292 -9.00 11.67 -19.35
C ASN A 292 -10.01 10.62 -18.93
N SER A 293 -10.99 11.00 -18.10
CA SER A 293 -11.98 10.04 -17.67
C SER A 293 -13.39 10.48 -18.03
N TYR A 294 -14.27 9.51 -18.22
CA TYR A 294 -15.68 9.76 -18.53
C TYR A 294 -16.47 8.76 -17.69
N GLY A 295 -17.18 9.26 -16.70
CA GLY A 295 -17.95 8.37 -15.85
C GLY A 295 -17.56 8.39 -14.38
N LEU A 296 -16.49 9.10 -14.03
CA LEU A 296 -16.10 9.18 -12.63
C LEU A 296 -16.75 10.44 -12.05
N LYS A 297 -16.98 10.44 -10.74
CA LYS A 297 -17.60 11.58 -10.06
C LYS A 297 -16.78 12.85 -10.32
N TYR A 298 -15.46 12.70 -10.27
CA TYR A 298 -14.57 13.81 -10.53
C TYR A 298 -13.79 13.41 -11.79
N ASP A 299 -14.42 13.63 -12.94
CA ASP A 299 -13.82 13.28 -14.21
C ASP A 299 -12.66 14.20 -14.52
N MET A 300 -11.62 13.62 -15.11
CA MET A 300 -10.42 14.36 -15.45
C MET A 300 -10.29 14.52 -16.96
N ARG A 301 -9.70 15.64 -17.37
CA ARG A 301 -9.46 15.90 -18.78
C ARG A 301 -8.05 16.48 -18.83
N ASN A 302 -7.16 15.80 -19.55
CA ASN A 302 -5.77 16.24 -19.67
C ASN A 302 -5.17 16.54 -18.31
N TRP A 303 -5.54 15.74 -17.32
CA TRP A 303 -5.10 15.89 -15.94
C TRP A 303 -3.81 15.09 -15.71
N LYS A 304 -2.72 15.80 -15.39
CA LYS A 304 -1.42 15.18 -15.16
C LYS A 304 -1.28 14.68 -13.73
N THR A 305 -0.96 13.40 -13.59
CA THR A 305 -0.82 12.80 -12.27
C THR A 305 0.54 12.15 -12.04
N GLU A 306 1.05 12.26 -10.82
CA GLU A 306 2.33 11.67 -10.47
C GLU A 306 2.56 11.76 -8.97
N MET A 307 3.39 10.88 -8.44
CA MET A 307 3.70 10.93 -7.01
C MET A 307 4.52 12.21 -6.87
N LEU A 308 4.39 12.88 -5.72
CA LEU A 308 5.07 14.15 -5.47
C LEU A 308 4.26 15.23 -6.19
N GLY A 309 3.07 14.87 -6.63
CA GLY A 309 2.21 15.80 -7.31
C GLY A 309 0.77 15.47 -6.99
N GLN A 310 -0.14 15.68 -7.93
CA GLN A 310 -1.55 15.37 -7.70
C GLN A 310 -1.86 13.92 -8.03
N VAL A 311 -2.66 13.31 -7.16
CA VAL A 311 -3.08 11.93 -7.33
C VAL A 311 -4.57 11.89 -7.04
N SER A 312 -5.34 11.31 -7.95
CA SER A 312 -6.77 11.22 -7.75
C SER A 312 -7.09 10.08 -6.78
N SER A 313 -7.50 10.46 -5.56
CA SER A 313 -7.90 9.46 -4.56
C SER A 313 -9.27 9.92 -4.09
N SER A 314 -10.03 9.01 -3.51
CA SER A 314 -11.38 9.31 -3.07
C SER A 314 -12.26 9.78 -4.25
N ASN A 315 -11.96 9.27 -5.45
CA ASN A 315 -12.79 9.61 -6.60
C ASN A 315 -13.96 8.64 -6.44
N ARG A 316 -15.01 8.79 -7.24
CA ARG A 316 -16.16 7.88 -7.15
C ARG A 316 -16.60 7.48 -8.56
N ILE A 317 -17.37 6.40 -8.64
CA ILE A 317 -17.85 5.92 -9.92
C ILE A 317 -19.29 6.35 -10.20
N SER A 318 -19.46 7.18 -11.21
CA SER A 318 -20.79 7.67 -11.59
C SER A 318 -21.43 6.78 -12.66
N GLY A 319 -20.60 6.18 -13.52
CA GLY A 319 -21.14 5.33 -14.57
C GLY A 319 -21.91 4.15 -14.00
N GLU A 320 -23.18 4.03 -14.36
CA GLU A 320 -23.99 2.95 -13.84
C GLU A 320 -23.63 1.58 -14.40
N THR A 321 -23.16 1.55 -15.63
CA THR A 321 -22.81 0.30 -16.29
C THR A 321 -21.35 0.27 -16.72
N GLY A 322 -20.65 1.37 -16.50
CA GLY A 322 -19.25 1.41 -16.87
C GLY A 322 -18.74 2.84 -16.99
N PHE A 323 -17.42 2.97 -17.17
CA PHE A 323 -16.81 4.28 -17.31
C PHE A 323 -15.56 4.14 -18.17
N ILE A 324 -15.03 5.28 -18.62
CA ILE A 324 -13.85 5.25 -19.46
C ILE A 324 -12.69 6.05 -18.90
N VAL A 325 -11.49 5.47 -18.99
CA VAL A 325 -10.29 6.18 -18.57
C VAL A 325 -9.25 6.03 -19.66
N GLU A 326 -8.74 7.15 -20.13
CA GLU A 326 -7.68 7.14 -21.13
C GLU A 326 -6.44 7.58 -20.36
N CYS A 327 -5.32 6.90 -20.58
CA CYS A 327 -4.10 7.26 -19.86
C CYS A 327 -2.89 7.21 -20.78
N SER A 328 -1.97 8.14 -20.58
CA SER A 328 -0.76 8.22 -21.42
C SER A 328 0.23 7.09 -21.16
N ASP A 329 -0.01 6.32 -20.10
CA ASP A 329 0.86 5.20 -19.72
C ASP A 329 0.11 4.36 -18.71
N ASP A 330 0.55 3.11 -18.52
CA ASP A 330 -0.11 2.22 -17.57
C ASP A 330 -0.24 2.91 -16.22
N ILE A 331 -1.36 2.67 -15.55
CA ILE A 331 -1.58 3.25 -14.24
C ILE A 331 -2.52 2.34 -13.45
N VAL A 332 -2.23 2.23 -12.16
CA VAL A 332 -3.03 1.41 -11.27
C VAL A 332 -4.35 2.06 -10.88
N MET A 333 -5.39 1.24 -10.80
CA MET A 333 -6.71 1.71 -10.36
C MET A 333 -7.26 0.75 -9.32
N ASN A 334 -7.82 1.32 -8.25
CA ASN A 334 -8.44 0.52 -7.22
C ASN A 334 -9.89 0.95 -7.15
N ILE A 335 -10.77 -0.01 -6.93
CA ILE A 335 -12.19 0.27 -6.80
C ILE A 335 -12.62 -0.38 -5.50
N GLU A 336 -13.22 0.39 -4.62
CA GLU A 336 -13.68 -0.14 -3.34
C GLU A 336 -14.79 -1.15 -3.55
N ILE A 337 -14.76 -2.21 -2.77
CA ILE A 337 -15.78 -3.25 -2.86
C ILE A 337 -16.37 -3.48 -1.49
N ASP A 338 -17.67 -3.74 -1.45
CA ASP A 338 -18.37 -4.01 -0.20
C ASP A 338 -19.59 -4.85 -0.56
N VAL A 339 -19.36 -6.13 -0.82
CA VAL A 339 -20.42 -7.05 -1.19
C VAL A 339 -21.02 -7.70 0.07
N GLU B 19 29.55 2.61 -15.95
CA GLU B 19 28.98 2.95 -14.63
C GLU B 19 29.26 1.84 -13.61
N LEU B 20 29.27 2.21 -12.34
CA LEU B 20 29.56 1.28 -11.25
C LEU B 20 28.66 0.05 -11.24
N ILE B 21 29.23 -1.06 -10.77
CA ILE B 21 28.49 -2.30 -10.69
C ILE B 21 27.45 -2.18 -9.58
N GLU B 22 26.23 -2.63 -9.86
CA GLU B 22 25.16 -2.60 -8.87
C GLU B 22 25.38 -3.88 -8.07
N GLN B 23 25.82 -3.73 -6.82
CA GLN B 23 26.12 -4.88 -5.98
C GLN B 23 25.16 -5.10 -4.82
N VAL B 24 25.00 -6.36 -4.45
CA VAL B 24 24.19 -6.76 -3.31
C VAL B 24 25.10 -7.68 -2.51
N ILE B 25 25.36 -7.31 -1.26
CA ILE B 25 26.24 -8.08 -0.41
C ILE B 25 25.47 -8.80 0.70
N GLU B 26 25.55 -10.12 0.72
CA GLU B 26 24.89 -10.89 1.75
C GLU B 26 25.76 -10.80 3.00
N GLN B 27 25.24 -10.15 4.03
CA GLN B 27 25.96 -9.96 5.28
C GLN B 27 25.57 -11.00 6.32
N PRO B 28 26.31 -11.06 7.44
CA PRO B 28 25.93 -12.03 8.47
C PRO B 28 24.68 -11.45 9.15
N ASP B 29 23.99 -12.26 9.93
CA ASP B 29 22.77 -11.80 10.61
C ASP B 29 22.99 -10.68 11.61
N SER B 30 24.23 -10.50 12.04
CA SER B 30 24.53 -9.44 13.00
C SER B 30 25.79 -8.70 12.63
N LEU B 31 25.72 -7.38 12.72
CA LEU B 31 26.85 -6.52 12.41
C LEU B 31 26.76 -5.30 13.30
N ILE B 32 27.88 -4.61 13.46
CA ILE B 32 27.90 -3.39 14.23
C ILE B 32 28.31 -2.32 13.23
N ILE B 33 27.46 -1.32 13.07
CA ILE B 33 27.73 -0.23 12.15
C ILE B 33 28.04 1.01 12.97
N SER B 34 29.19 1.62 12.70
CA SER B 34 29.56 2.83 13.42
C SER B 34 28.85 4.00 12.73
N PRO B 35 28.53 5.05 13.50
CA PRO B 35 27.85 6.21 12.91
C PRO B 35 28.73 6.82 11.82
N PRO B 36 28.11 7.48 10.82
CA PRO B 36 28.86 8.10 9.72
C PRO B 36 29.97 9.04 10.21
N SER B 43 26.22 16.41 8.34
CA SER B 43 26.52 15.85 7.03
C SER B 43 25.62 14.64 6.71
N TYR B 44 24.80 14.23 7.68
CA TYR B 44 23.89 13.12 7.44
C TYR B 44 22.59 13.23 8.24
N ASN B 45 21.57 12.51 7.80
CA ASN B 45 20.29 12.52 8.47
C ASN B 45 20.23 11.39 9.50
N HIS B 46 19.92 11.74 10.75
CA HIS B 46 19.84 10.75 11.81
C HIS B 46 18.38 10.43 12.10
N ILE B 47 18.00 9.17 11.90
CA ILE B 47 16.63 8.75 12.15
C ILE B 47 16.60 7.75 13.29
N GLN B 48 15.69 7.98 14.24
CA GLN B 48 15.49 7.12 15.41
C GLN B 48 14.01 6.79 15.41
N PRO B 49 13.59 5.86 14.54
CA PRO B 49 12.19 5.45 14.41
C PRO B 49 11.53 4.83 15.63
N PHE B 50 12.32 4.20 16.50
CA PHE B 50 11.76 3.49 17.65
C PHE B 50 11.84 4.15 19.02
N VAL B 51 12.14 5.45 19.04
CA VAL B 51 12.21 6.17 20.30
C VAL B 51 10.89 6.04 21.07
N TYR B 52 9.79 5.94 20.35
CA TYR B 52 8.48 5.83 20.99
C TYR B 52 8.21 4.51 21.70
N LEU B 53 9.05 3.51 21.47
CA LEU B 53 8.89 2.21 22.12
C LEU B 53 9.75 2.10 23.37
N HIS B 63 8.47 17.81 19.82
CA HIS B 63 7.09 18.11 19.46
C HIS B 63 6.43 16.91 18.80
N ASN B 64 5.93 16.00 19.62
CA ASN B 64 5.26 14.78 19.15
C ASN B 64 3.77 14.98 18.95
N VAL B 65 3.31 14.58 17.77
CA VAL B 65 1.90 14.67 17.41
C VAL B 65 1.42 13.28 17.01
N LEU B 66 0.22 12.93 17.46
CA LEU B 66 -0.39 11.67 17.11
C LEU B 66 -1.59 11.96 16.20
N LEU B 67 -1.58 11.40 15.00
CA LEU B 67 -2.67 11.59 14.05
C LEU B 67 -3.36 10.23 13.89
N ILE B 68 -4.66 10.19 14.19
CA ILE B 68 -5.40 8.94 14.12
C ILE B 68 -6.41 8.87 12.98
N LEU B 69 -6.16 7.97 12.04
CA LEU B 69 -7.05 7.80 10.91
C LEU B 69 -8.07 6.70 11.22
N ASN B 70 -8.98 6.46 10.29
CA ASN B 70 -10.06 5.51 10.46
C ASN B 70 -9.84 4.01 10.21
N GLN B 71 -9.25 3.34 11.19
CA GLN B 71 -9.01 1.90 11.14
C GLN B 71 -8.90 1.40 12.58
N LYS B 72 -9.24 0.13 12.80
CA LYS B 72 -9.18 -0.43 14.14
C LYS B 72 -7.76 -0.29 14.68
N ILE B 73 -7.63 0.26 15.88
CA ILE B 73 -6.33 0.47 16.52
C ILE B 73 -5.86 -0.82 17.20
N THR B 74 -4.70 -1.32 16.77
CA THR B 74 -4.14 -2.56 17.31
C THR B 74 -2.81 -2.38 18.04
N ILE B 75 -2.38 -1.15 18.24
CA ILE B 75 -1.11 -0.91 18.94
C ILE B 75 -1.37 -0.45 20.36
N ASP B 76 -0.30 -0.26 21.12
CA ASP B 76 -0.40 0.21 22.49
C ASP B 76 -0.66 1.71 22.37
N LEU B 77 -1.92 2.06 22.13
CA LEU B 77 -2.32 3.45 21.97
C LEU B 77 -1.91 4.34 23.15
N ILE B 78 -2.26 3.91 24.35
CA ILE B 78 -1.97 4.67 25.56
C ILE B 78 -0.51 5.05 25.72
N SER B 79 0.39 4.12 25.43
CA SER B 79 1.81 4.39 25.55
C SER B 79 2.27 5.50 24.61
N LEU B 80 1.80 5.44 23.37
CA LEU B 80 2.18 6.43 22.37
C LEU B 80 1.53 7.76 22.73
N TRP B 81 0.24 7.72 23.04
CA TRP B 81 -0.52 8.90 23.41
C TRP B 81 0.24 9.71 24.45
N LYS B 82 0.69 9.05 25.50
CA LYS B 82 1.41 9.69 26.59
C LYS B 82 2.70 10.40 26.16
N LYS B 83 3.22 10.05 25.00
CA LYS B 83 4.46 10.66 24.51
C LYS B 83 4.17 11.81 23.55
N CYS B 84 2.89 12.03 23.27
CA CYS B 84 2.51 13.09 22.34
C CYS B 84 1.92 14.32 22.99
N GLU B 85 2.33 15.47 22.47
CA GLU B 85 1.91 16.78 22.93
C GLU B 85 0.49 17.08 22.44
N ILE B 86 0.21 16.71 21.19
CA ILE B 86 -1.08 16.94 20.58
C ILE B 86 -1.59 15.66 19.90
N ILE B 87 -2.90 15.43 19.97
CA ILE B 87 -3.52 14.28 19.34
C ILE B 87 -4.63 14.77 18.42
N VAL B 88 -4.60 14.33 17.16
CA VAL B 88 -5.60 14.73 16.17
C VAL B 88 -6.27 13.53 15.53
N CYS B 89 -7.61 13.53 15.50
CA CYS B 89 -8.36 12.46 14.88
C CYS B 89 -8.90 12.93 13.54
N ALA B 90 -8.62 12.18 12.48
CA ALA B 90 -9.11 12.52 11.16
C ALA B 90 -10.47 11.84 10.97
N ASP B 91 -11.53 12.62 11.05
CA ASP B 91 -12.91 12.13 10.89
C ASP B 91 -13.12 10.77 11.60
N GLY B 92 -13.26 9.71 10.82
CA GLY B 92 -13.48 8.38 11.37
C GLY B 92 -12.49 7.94 12.43
N GLY B 93 -11.30 8.55 12.43
CA GLY B 93 -10.29 8.21 13.42
C GLY B 93 -10.86 8.34 14.82
N ALA B 94 -11.86 9.20 15.00
CA ALA B 94 -12.49 9.39 16.29
C ALA B 94 -13.21 8.11 16.71
N ASN B 95 -13.88 7.46 15.77
CA ASN B 95 -14.59 6.22 16.08
C ASN B 95 -13.57 5.19 16.54
N SER B 96 -12.46 5.13 15.81
CA SER B 96 -11.38 4.18 16.10
C SER B 96 -10.87 4.37 17.52
N LEU B 97 -10.69 5.62 17.92
CA LEU B 97 -10.21 5.94 19.26
C LEU B 97 -11.29 5.53 20.27
N TYR B 98 -12.52 5.92 19.99
CA TYR B 98 -13.65 5.59 20.86
C TYR B 98 -13.72 4.09 21.12
N GLU B 99 -13.88 3.34 20.04
CA GLU B 99 -13.99 1.88 20.09
C GLU B 99 -12.82 1.18 20.76
N TYR B 100 -11.67 1.85 20.80
CA TYR B 100 -10.48 1.27 21.41
C TYR B 100 -10.76 0.92 22.86
N PHE B 101 -11.69 1.64 23.47
CA PHE B 101 -12.05 1.43 24.86
C PHE B 101 -13.26 0.53 25.05
N ASN B 102 -13.79 -0.04 23.96
CA ASN B 102 -14.94 -0.93 24.06
C ASN B 102 -14.57 -2.16 24.88
N LEU B 113 -8.51 1.28 31.90
CA LEU B 113 -8.43 2.54 31.17
C LEU B 113 -9.78 3.23 31.08
N GLN B 114 -9.75 4.57 31.14
CA GLN B 114 -10.95 5.38 31.04
C GLN B 114 -10.94 6.13 29.71
N ARG B 115 -11.95 5.87 28.89
CA ARG B 115 -12.07 6.52 27.59
C ARG B 115 -12.00 8.04 27.75
N SER B 116 -12.53 8.52 28.88
CA SER B 116 -12.55 9.96 29.18
C SER B 116 -11.19 10.58 29.45
N ASP B 117 -10.17 9.75 29.67
CA ASP B 117 -8.84 10.29 29.95
C ASP B 117 -8.04 10.56 28.68
N TYR B 118 -8.60 10.19 27.53
CA TYR B 118 -7.90 10.36 26.27
C TYR B 118 -8.73 11.10 25.24
N ILE B 119 -8.89 12.40 25.45
CA ILE B 119 -9.68 13.25 24.56
C ILE B 119 -8.78 13.87 23.51
N PRO B 120 -9.09 13.65 22.23
CA PRO B 120 -8.26 14.23 21.18
C PRO B 120 -8.37 15.76 21.18
N ASP B 121 -7.25 16.42 20.92
CA ASP B 121 -7.24 17.87 20.89
C ASP B 121 -8.08 18.40 19.73
N TYR B 122 -7.97 17.75 18.58
CA TYR B 122 -8.72 18.15 17.38
C TYR B 122 -9.34 16.95 16.67
N ILE B 123 -10.49 17.18 16.06
CA ILE B 123 -11.18 16.17 15.26
C ILE B 123 -11.51 16.94 14.00
N VAL B 124 -10.89 16.57 12.88
CA VAL B 124 -11.13 17.28 11.64
C VAL B 124 -11.47 16.42 10.43
N GLY B 125 -12.09 17.04 9.44
CA GLY B 125 -12.46 16.33 8.23
C GLY B 125 -13.85 16.72 7.76
N ASP B 126 -14.34 16.03 6.74
CA ASP B 126 -15.67 16.34 6.23
C ASP B 126 -16.77 15.65 7.02
N PHE B 127 -16.35 14.84 7.99
CA PHE B 127 -17.25 14.11 8.88
C PHE B 127 -18.29 13.20 8.24
N ASP B 128 -17.90 12.48 7.20
CA ASP B 128 -18.83 11.55 6.57
C ASP B 128 -18.64 10.14 7.11
N SER B 129 -17.65 9.98 7.99
CA SER B 129 -17.39 8.66 8.57
C SER B 129 -17.57 8.65 10.09
N ILE B 130 -17.23 9.74 10.76
CA ILE B 130 -17.38 9.79 12.21
C ILE B 130 -18.84 9.53 12.57
N SER B 131 -19.08 8.73 13.60
CA SER B 131 -20.45 8.41 14.01
C SER B 131 -21.02 9.48 14.92
N PRO B 132 -22.33 9.76 14.79
CA PRO B 132 -23.04 10.77 15.59
C PRO B 132 -22.72 10.72 17.08
N ASP B 133 -22.84 9.54 17.68
CA ASP B 133 -22.57 9.38 19.10
C ASP B 133 -21.12 9.71 19.46
N VAL B 134 -20.19 9.22 18.65
CA VAL B 134 -18.77 9.48 18.89
C VAL B 134 -18.50 10.97 18.81
N LYS B 135 -19.01 11.59 17.75
CA LYS B 135 -18.85 13.02 17.53
C LYS B 135 -19.39 13.79 18.75
N THR B 136 -20.59 13.42 19.18
CA THR B 136 -21.21 14.08 20.33
C THR B 136 -20.34 13.87 21.56
N TYR B 137 -19.93 12.62 21.79
CA TYR B 137 -19.11 12.29 22.94
C TYR B 137 -17.88 13.18 23.09
N TYR B 138 -17.04 13.23 22.07
CA TYR B 138 -15.84 14.04 22.12
C TYR B 138 -16.11 15.54 22.11
N GLU B 139 -17.19 15.94 21.44
CA GLU B 139 -17.55 17.35 21.44
C GLU B 139 -17.90 17.70 22.89
N SER B 140 -18.59 16.80 23.57
CA SER B 140 -18.97 17.05 24.95
C SER B 140 -17.79 16.95 25.91
N HIS B 141 -16.60 16.66 25.38
CA HIS B 141 -15.42 16.57 26.22
C HIS B 141 -14.33 17.58 25.89
N GLY B 142 -14.65 18.53 25.01
CA GLY B 142 -13.67 19.56 24.70
C GLY B 142 -12.82 19.40 23.45
N SER B 143 -13.03 18.34 22.67
CA SER B 143 -12.25 18.18 21.44
C SER B 143 -12.58 19.33 20.51
N LYS B 144 -11.56 19.91 19.89
CA LYS B 144 -11.78 21.03 18.96
C LYS B 144 -12.22 20.46 17.62
N ILE B 145 -13.44 20.79 17.23
CA ILE B 145 -14.02 20.32 15.98
C ILE B 145 -13.80 21.24 14.79
N ILE B 146 -13.16 20.71 13.75
CA ILE B 146 -12.92 21.50 12.54
C ILE B 146 -13.49 20.74 11.34
N ARG B 147 -14.72 21.05 10.98
CA ARG B 147 -15.36 20.41 9.84
C ARG B 147 -14.95 21.12 8.57
N GLN B 148 -14.50 20.36 7.57
CA GLN B 148 -14.07 20.92 6.29
C GLN B 148 -14.75 20.09 5.20
N SER B 149 -15.70 20.71 4.49
CA SER B 149 -16.43 19.99 3.45
C SER B 149 -15.78 19.89 2.08
N SER B 150 -14.61 20.49 1.90
CA SER B 150 -13.95 20.43 0.60
C SER B 150 -13.83 19.02 0.04
N GLN B 151 -14.17 18.87 -1.24
CA GLN B 151 -14.11 17.58 -1.93
C GLN B 151 -12.78 17.48 -2.68
N TYR B 152 -11.86 18.40 -2.40
CA TYR B 152 -10.59 18.41 -3.08
C TYR B 152 -9.39 18.05 -2.19
N TYR B 153 -9.61 17.99 -0.88
CA TYR B 153 -8.59 17.61 0.09
C TYR B 153 -9.19 16.49 0.93
N ASN B 154 -8.40 15.48 1.31
CA ASN B 154 -8.96 14.42 2.15
C ASN B 154 -8.73 14.73 3.62
N ASP B 155 -9.30 13.91 4.50
CA ASP B 155 -9.17 14.15 5.94
C ASP B 155 -7.73 14.12 6.43
N PHE B 156 -6.89 13.34 5.76
CA PHE B 156 -5.49 13.26 6.15
C PHE B 156 -4.87 14.64 5.99
N THR B 157 -4.97 15.18 4.77
CA THR B 157 -4.40 16.49 4.46
C THR B 157 -4.99 17.60 5.34
N LYS B 158 -6.30 17.59 5.51
CA LYS B 158 -6.94 18.60 6.34
C LYS B 158 -6.38 18.52 7.76
N SER B 159 -6.14 17.30 8.25
CA SER B 159 -5.59 17.13 9.59
C SER B 159 -4.17 17.65 9.70
N ILE B 160 -3.35 17.35 8.68
CA ILE B 160 -1.97 17.83 8.66
C ILE B 160 -1.96 19.35 8.70
N HIS B 161 -2.81 19.97 7.89
CA HIS B 161 -2.91 21.43 7.87
C HIS B 161 -3.30 21.94 9.25
N CYS B 162 -4.22 21.24 9.89
CA CYS B 162 -4.66 21.61 11.24
C CYS B 162 -3.47 21.56 12.19
N ILE B 163 -2.64 20.54 12.05
CA ILE B 163 -1.47 20.37 12.90
C ILE B 163 -0.44 21.47 12.68
N GLN B 164 -0.20 21.79 11.41
CA GLN B 164 0.76 22.83 11.06
C GLN B 164 0.27 24.17 11.56
N LEU B 165 -1.02 24.42 11.39
CA LEU B 165 -1.63 25.67 11.82
C LEU B 165 -1.64 25.75 13.34
N HIS B 166 -1.77 24.60 14.00
CA HIS B 166 -1.78 24.58 15.46
C HIS B 166 -0.47 25.13 16.03
N TYR B 167 0.65 24.68 15.49
CA TYR B 167 1.96 25.12 15.96
C TYR B 167 2.31 26.53 15.53
N GLN B 168 1.42 27.17 14.79
CA GLN B 168 1.66 28.53 14.34
C GLN B 168 0.74 29.53 15.02
N LEU B 169 -0.49 29.12 15.27
CA LEU B 169 -1.48 30.01 15.85
C LEU B 169 -2.04 29.67 17.23
N ASN B 170 -2.02 28.41 17.62
CA ASN B 170 -2.60 28.04 18.90
C ASN B 170 -2.02 28.72 20.14
N HIS B 171 -0.70 28.73 20.26
CA HIS B 171 -0.06 29.34 21.43
C HIS B 171 -0.53 30.76 21.71
N THR B 172 -1.13 31.40 20.71
CA THR B 172 -1.62 32.75 20.88
C THR B 172 -3.16 32.82 20.91
N LYS B 173 -3.80 31.97 20.11
CA LYS B 173 -5.26 31.93 20.06
C LYS B 173 -5.72 30.48 20.13
N GLU B 174 -6.31 30.12 21.27
CA GLU B 174 -6.79 28.75 21.50
C GLU B 174 -7.95 28.33 20.57
N ASN B 175 -8.71 29.31 20.10
CA ASN B 175 -9.85 29.02 19.23
C ASN B 175 -9.65 29.58 17.82
N TRP B 176 -8.39 29.58 17.38
CA TRP B 176 -8.02 30.08 16.06
C TRP B 176 -8.82 29.43 14.92
N PHE B 177 -9.31 28.22 15.16
CA PHE B 177 -10.04 27.44 14.17
C PHE B 177 -11.53 27.72 14.01
N GLU B 178 -12.17 28.16 15.09
CA GLU B 178 -13.62 28.40 15.10
C GLU B 178 -14.28 29.24 14.00
N SER B 179 -13.57 30.20 13.43
CA SER B 179 -14.20 31.04 12.42
C SER B 179 -13.72 30.85 10.99
N ILE B 180 -12.98 29.78 10.73
CA ILE B 180 -12.48 29.54 9.38
C ILE B 180 -13.57 29.12 8.41
N ASP B 181 -13.27 29.20 7.12
CA ASP B 181 -14.21 28.83 6.08
C ASP B 181 -14.53 27.33 6.22
N GLU B 182 -15.81 26.99 6.12
CA GLU B 182 -16.30 25.62 6.27
C GLU B 182 -15.88 24.62 5.20
N VAL B 183 -15.53 25.12 4.02
CA VAL B 183 -15.12 24.25 2.92
C VAL B 183 -13.64 23.90 2.97
N ASP B 184 -12.79 24.91 2.82
CA ASP B 184 -11.35 24.68 2.83
C ASP B 184 -10.59 25.77 3.59
N GLY B 185 -11.16 26.22 4.70
CA GLY B 185 -10.53 27.27 5.49
C GLY B 185 -9.12 26.89 5.95
N LEU B 186 -8.91 25.63 6.32
CA LEU B 186 -7.58 25.21 6.76
C LEU B 186 -6.59 25.38 5.62
N ALA B 187 -7.00 24.93 4.43
CA ALA B 187 -6.13 25.02 3.25
C ALA B 187 -5.81 26.48 2.93
N LYS B 188 -6.85 27.32 2.94
CA LYS B 188 -6.68 28.73 2.66
C LYS B 188 -5.80 29.41 3.71
N LEU B 189 -6.15 29.23 4.98
CA LEU B 189 -5.40 29.84 6.08
C LEU B 189 -3.91 29.49 6.09
N TRP B 190 -3.59 28.23 5.83
CA TRP B 190 -2.19 27.82 5.82
C TRP B 190 -1.50 28.53 4.67
N ASN B 191 -2.24 28.70 3.58
CA ASN B 191 -1.71 29.36 2.39
C ASN B 191 -1.60 30.87 2.64
N GLY B 192 -2.55 31.41 3.39
CA GLY B 192 -2.56 32.82 3.69
C GLY B 192 -1.43 33.23 4.62
N LEU B 193 -1.19 32.44 5.66
CA LEU B 193 -0.13 32.73 6.61
C LEU B 193 1.22 32.83 5.92
N ASN B 194 1.45 31.95 4.96
CA ASN B 194 2.71 31.96 4.22
C ASN B 194 2.80 33.21 3.33
N ASN B 195 1.67 33.66 2.82
CA ASN B 195 1.62 34.85 1.99
C ASN B 195 1.90 36.11 2.80
N SER B 196 1.63 36.04 4.10
CA SER B 196 1.86 37.18 5.00
C SER B 196 3.18 37.02 5.74
N SER B 197 3.92 35.97 5.40
CA SER B 197 5.21 35.70 6.03
C SER B 197 5.07 35.52 7.54
N ASP B 198 3.92 35.02 7.98
CA ASP B 198 3.68 34.81 9.41
C ASP B 198 3.90 33.35 9.81
N VAL B 199 4.78 32.66 9.08
CA VAL B 199 5.05 31.27 9.37
C VAL B 199 6.47 31.04 9.88
N VAL B 200 6.58 30.47 11.08
CA VAL B 200 7.88 30.18 11.66
C VAL B 200 8.32 28.83 11.08
N VAL B 201 9.23 28.88 10.12
CA VAL B 201 9.73 27.69 9.45
C VAL B 201 10.73 26.90 10.29
N ASP B 202 10.96 27.37 11.52
CA ASP B 202 11.91 26.72 12.39
C ASP B 202 11.32 26.03 13.63
N ILE B 203 10.63 24.93 13.39
CA ILE B 203 10.03 24.14 14.47
C ILE B 203 10.06 22.67 14.09
N ASP B 204 10.67 21.86 14.95
CA ASP B 204 10.80 20.43 14.71
C ASP B 204 9.55 19.66 15.16
N ILE B 205 8.88 19.03 14.21
CA ILE B 205 7.68 18.28 14.51
C ILE B 205 7.80 16.82 14.09
N THR B 206 7.35 15.92 14.96
CA THR B 206 7.36 14.49 14.65
C THR B 206 5.90 14.07 14.71
N ILE B 207 5.40 13.55 13.59
CA ILE B 207 4.01 13.12 13.52
C ILE B 207 3.87 11.61 13.37
N TYR B 208 3.25 10.99 14.36
CA TYR B 208 3.01 9.54 14.35
C TYR B 208 1.61 9.37 13.79
N VAL B 209 1.51 8.73 12.63
CA VAL B 209 0.23 8.51 11.99
C VAL B 209 -0.24 7.06 12.09
N LEU B 210 -1.44 6.86 12.64
CA LEU B 210 -2.01 5.53 12.77
C LEU B 210 -3.14 5.33 11.77
N ASN B 211 -3.28 4.10 11.28
CA ASN B 211 -4.36 3.73 10.36
C ASN B 211 -4.39 4.40 8.98
N ALA B 212 -3.25 4.91 8.53
CA ALA B 212 -3.18 5.57 7.22
C ALA B 212 -2.74 4.60 6.13
N ILE B 213 -2.25 3.43 6.55
CA ILE B 213 -1.77 2.41 5.63
C ILE B 213 -2.54 1.12 5.86
N GLY B 214 -2.67 0.31 4.81
CA GLY B 214 -3.35 -0.97 4.96
C GLY B 214 -4.83 -1.03 4.69
N GLY B 215 -5.49 0.12 4.60
CA GLY B 215 -6.91 0.12 4.32
C GLY B 215 -7.14 0.29 2.83
N ARG B 216 -8.08 1.14 2.46
CA ARG B 216 -8.37 1.38 1.04
C ARG B 216 -7.04 1.78 0.39
N PHE B 217 -6.71 1.12 -0.72
CA PHE B 217 -5.44 1.37 -1.39
C PHE B 217 -5.18 2.80 -1.85
N ASP B 218 -6.19 3.48 -2.37
CA ASP B 218 -5.97 4.87 -2.80
C ASP B 218 -5.57 5.76 -1.63
N GLN B 219 -6.07 5.43 -0.43
CA GLN B 219 -5.75 6.19 0.77
C GLN B 219 -4.30 5.92 1.15
N THR B 220 -3.86 4.68 0.97
CA THR B 220 -2.49 4.30 1.27
C THR B 220 -1.54 5.08 0.38
N VAL B 221 -1.85 5.12 -0.91
CA VAL B 221 -1.00 5.82 -1.85
C VAL B 221 -1.02 7.32 -1.63
N GLN B 222 -2.19 7.87 -1.28
CA GLN B 222 -2.27 9.30 -1.06
C GLN B 222 -1.38 9.65 0.15
N SER B 223 -1.40 8.80 1.17
CA SER B 223 -0.60 9.04 2.37
C SER B 223 0.89 9.06 2.04
N ILE B 224 1.32 8.14 1.18
CA ILE B 224 2.73 8.09 0.80
C ILE B 224 3.03 9.34 -0.03
N ASN B 225 2.11 9.70 -0.91
CA ASN B 225 2.29 10.87 -1.75
C ASN B 225 2.55 12.08 -0.86
N GLN B 226 1.69 12.27 0.14
CA GLN B 226 1.83 13.39 1.06
C GLN B 226 3.14 13.30 1.86
N LEU B 227 3.59 12.08 2.15
CA LEU B 227 4.84 11.89 2.89
C LEU B 227 5.99 12.53 2.11
N TYR B 228 6.04 12.25 0.80
CA TYR B 228 7.09 12.80 -0.04
C TYR B 228 6.93 14.31 -0.18
N ILE B 229 5.69 14.75 -0.40
CA ILE B 229 5.41 16.17 -0.56
C ILE B 229 5.77 16.97 0.68
N MET B 230 5.36 16.48 1.84
CA MET B 230 5.65 17.19 3.09
C MET B 230 7.14 17.32 3.36
N ASN B 231 7.93 16.30 2.98
CA ASN B 231 9.37 16.39 3.23
C ASN B 231 10.00 17.42 2.32
N GLU B 232 9.46 17.53 1.11
CA GLU B 232 9.98 18.49 0.15
C GLU B 232 9.63 19.91 0.59
N ASP B 233 8.41 20.09 1.11
CA ASP B 233 7.96 21.39 1.56
C ASP B 233 8.33 21.75 3.00
N TYR B 234 8.27 20.77 3.90
CA TYR B 234 8.57 21.01 5.30
C TYR B 234 9.50 19.94 5.84
N PRO B 235 10.80 20.03 5.51
CA PRO B 235 11.82 19.08 5.94
C PRO B 235 11.99 18.90 7.45
N LYS B 236 11.56 19.87 8.23
CA LYS B 236 11.69 19.76 9.68
C LYS B 236 10.57 18.93 10.33
N VAL B 237 9.60 18.53 9.53
CA VAL B 237 8.50 17.71 10.02
C VAL B 237 8.87 16.26 9.68
N THR B 238 8.94 15.41 10.70
CA THR B 238 9.27 14.01 10.47
C THR B 238 7.99 13.21 10.65
N VAL B 239 7.65 12.42 9.63
CA VAL B 239 6.44 11.63 9.69
C VAL B 239 6.73 10.14 9.82
N PHE B 240 6.02 9.50 10.75
CA PHE B 240 6.15 8.05 10.96
C PHE B 240 4.77 7.44 10.86
N PHE B 241 4.60 6.51 9.93
CA PHE B 241 3.33 5.81 9.80
C PHE B 241 3.52 4.52 10.60
N ILE B 242 2.75 4.35 11.65
CA ILE B 242 2.85 3.13 12.45
C ILE B 242 1.62 2.31 12.13
N THR B 243 1.84 1.11 11.59
CA THR B 243 0.75 0.23 11.21
C THR B 243 0.74 -1.02 12.05
N THR B 244 -0.10 -1.97 11.66
CA THR B 244 -0.21 -3.24 12.36
C THR B 244 1.03 -4.09 12.15
N ASN B 245 1.65 -3.93 10.98
CA ASN B 245 2.82 -4.73 10.63
C ASN B 245 4.18 -4.05 10.66
N ASP B 246 4.20 -2.73 10.53
CA ASP B 246 5.48 -2.03 10.50
C ASP B 246 5.43 -0.53 10.76
N ILE B 247 6.59 0.11 10.62
CA ILE B 247 6.72 1.54 10.75
C ILE B 247 7.29 1.98 9.41
N ILE B 248 6.72 3.04 8.85
CA ILE B 248 7.11 3.54 7.55
C ILE B 248 7.53 4.99 7.65
N PHE B 249 8.69 5.29 7.08
CA PHE B 249 9.22 6.64 7.13
C PHE B 249 10.03 6.90 5.88
N LEU B 250 10.51 8.14 5.78
CA LEU B 250 11.27 8.55 4.62
C LEU B 250 12.75 8.67 4.86
N LEU B 251 13.53 8.11 3.94
CA LEU B 251 14.99 8.22 4.00
C LEU B 251 15.23 9.45 3.15
N LYS B 252 16.06 10.37 3.64
CA LYS B 252 16.31 11.61 2.91
C LYS B 252 17.51 11.54 1.98
N LYS B 253 17.40 12.24 0.85
CA LYS B 253 18.48 12.30 -0.12
C LYS B 253 19.79 12.49 0.64
N GLY B 254 20.76 11.63 0.36
CA GLY B 254 22.04 11.72 1.04
C GLY B 254 22.24 10.54 1.98
N VAL B 255 23.07 10.74 3.00
CA VAL B 255 23.36 9.71 3.98
C VAL B 255 22.35 9.72 5.13
N ASN B 256 21.87 8.53 5.47
CA ASN B 256 20.91 8.37 6.56
C ASN B 256 21.45 7.36 7.56
N TYR B 257 21.41 7.70 8.83
CA TYR B 257 21.87 6.77 9.85
C TYR B 257 20.66 6.45 10.72
N ILE B 258 20.20 5.20 10.65
CA ILE B 258 19.04 4.77 11.45
C ILE B 258 19.57 4.04 12.67
N SER B 259 19.27 4.55 13.86
CA SER B 259 19.76 3.90 15.08
C SER B 259 18.67 3.52 16.07
N TYR B 260 19.01 2.63 16.98
CA TYR B 260 18.09 2.14 18.01
C TYR B 260 18.96 1.42 19.04
N LYS B 261 18.46 1.26 20.27
CA LYS B 261 19.24 0.59 21.31
C LYS B 261 19.71 -0.76 20.80
N ASN B 262 18.76 -1.55 20.33
CA ASN B 262 19.04 -2.87 19.75
C ASN B 262 17.81 -3.27 18.96
N ARG B 263 17.91 -4.35 18.19
CA ARG B 263 16.78 -4.81 17.40
C ARG B 263 15.67 -5.43 18.23
N LEU B 264 16.02 -5.89 19.43
CA LEU B 264 15.03 -6.51 20.31
C LEU B 264 13.92 -5.55 20.72
N MET B 265 14.19 -4.25 20.64
CA MET B 265 13.15 -3.30 21.02
C MET B 265 11.97 -3.33 20.04
N PHE B 266 12.21 -3.74 18.80
CA PHE B 266 11.12 -3.80 17.81
C PHE B 266 10.99 -5.14 17.09
N HIS B 267 11.74 -6.14 17.56
CA HIS B 267 11.69 -7.46 16.95
C HIS B 267 11.80 -8.52 18.02
N LYS B 268 10.65 -8.98 18.52
CA LYS B 268 10.59 -10.00 19.55
C LYS B 268 11.58 -11.11 19.21
N ASP B 269 12.47 -11.40 20.14
CA ASP B 269 13.49 -12.43 19.94
C ASP B 269 12.98 -13.56 19.08
N ASN B 270 13.72 -13.85 18.02
CA ASN B 270 13.33 -14.91 17.11
C ASN B 270 13.93 -16.26 17.42
N GLY B 271 14.54 -16.86 16.41
CA GLY B 271 15.14 -18.17 16.53
C GLY B 271 15.03 -18.76 15.14
N SER B 272 14.05 -18.23 14.40
CA SER B 272 13.78 -18.62 13.04
C SER B 272 13.81 -17.31 12.25
N SER B 273 13.95 -16.22 12.98
CA SER B 273 14.01 -14.86 12.43
C SER B 273 15.06 -14.08 13.20
N PRO B 274 16.33 -14.26 12.85
CA PRO B 274 17.42 -13.55 13.53
C PRO B 274 17.51 -12.08 13.15
N THR B 275 16.67 -11.67 12.20
CA THR B 275 16.72 -10.28 11.73
C THR B 275 15.36 -9.69 11.36
N PRO B 276 15.14 -8.40 11.70
CA PRO B 276 13.89 -7.70 11.39
C PRO B 276 13.82 -7.47 9.89
N THR B 277 12.63 -7.59 9.31
CA THR B 277 12.45 -7.38 7.88
C THR B 277 12.28 -5.91 7.54
N CYS B 278 12.75 -5.51 6.37
CA CYS B 278 12.61 -4.12 5.96
C CYS B 278 12.59 -4.01 4.44
N GLY B 279 12.24 -2.83 3.95
CA GLY B 279 12.19 -2.62 2.53
C GLY B 279 12.48 -1.17 2.19
N LEU B 280 12.97 -0.94 0.97
CA LEU B 280 13.28 0.40 0.47
C LEU B 280 12.39 0.55 -0.76
N LEU B 281 11.42 1.45 -0.68
CA LEU B 281 10.43 1.59 -1.74
C LEU B 281 10.47 2.92 -2.50
N PRO B 282 10.89 2.88 -3.77
CA PRO B 282 11.00 4.06 -4.63
C PRO B 282 9.64 4.42 -5.20
N LEU B 283 8.81 5.08 -4.39
CA LEU B 283 7.47 5.43 -4.81
C LEU B 283 7.28 6.86 -5.32
N SER B 284 8.36 7.62 -5.43
CA SER B 284 8.24 9.00 -5.92
C SER B 284 8.42 9.09 -7.43
N ASN B 285 8.32 10.31 -7.95
CA ASN B 285 8.46 10.54 -9.39
C ASN B 285 9.94 10.74 -9.77
N LYS B 286 10.83 10.60 -8.79
CA LYS B 286 12.26 10.74 -9.04
C LYS B 286 12.82 9.33 -9.19
N THR B 287 13.21 8.99 -10.41
CA THR B 287 13.73 7.65 -10.70
C THR B 287 14.85 7.70 -11.74
N PRO B 288 15.83 6.79 -11.64
CA PRO B 288 15.94 5.75 -10.61
C PRO B 288 16.67 6.32 -9.40
N ILE B 289 16.67 5.57 -8.31
CA ILE B 289 17.35 6.01 -7.10
C ILE B 289 18.53 5.08 -6.85
N ILE B 290 19.69 5.66 -6.55
CA ILE B 290 20.90 4.90 -6.29
C ILE B 290 21.02 4.70 -4.78
N LEU B 291 21.23 3.45 -4.37
CA LEU B 291 21.35 3.13 -2.96
C LEU B 291 22.67 2.50 -2.54
N ASN B 292 23.11 2.83 -1.34
CA ASN B 292 24.30 2.27 -0.74
C ASN B 292 23.88 2.02 0.70
N SER B 293 23.96 0.76 1.15
CA SER B 293 23.57 0.47 2.51
C SER B 293 24.68 -0.26 3.24
N TYR B 294 24.70 -0.12 4.56
CA TYR B 294 25.68 -0.75 5.42
C TYR B 294 24.91 -1.18 6.66
N GLY B 295 24.75 -2.48 6.87
CA GLY B 295 24.00 -2.94 8.02
C GLY B 295 22.75 -3.72 7.68
N LEU B 296 22.41 -3.81 6.40
CA LEU B 296 21.24 -4.59 6.01
C LEU B 296 21.75 -5.98 5.64
N LYS B 297 20.88 -6.98 5.77
CA LYS B 297 21.24 -8.36 5.44
C LYS B 297 21.71 -8.46 3.99
N TYR B 298 21.03 -7.74 3.12
CA TYR B 298 21.37 -7.71 1.71
C TYR B 298 21.76 -6.26 1.43
N ASP B 299 23.00 -5.93 1.76
CA ASP B 299 23.51 -4.59 1.56
C ASP B 299 23.70 -4.24 0.10
N MET B 300 23.32 -3.02 -0.24
CA MET B 300 23.42 -2.55 -1.62
C MET B 300 24.55 -1.53 -1.81
N ARG B 301 25.18 -1.58 -2.97
CA ARG B 301 26.23 -0.64 -3.30
C ARG B 301 25.93 -0.16 -4.71
N ASN B 302 25.69 1.13 -4.87
CA ASN B 302 25.39 1.71 -6.18
C ASN B 302 24.29 0.93 -6.89
N TRP B 303 23.31 0.49 -6.11
CA TRP B 303 22.20 -0.31 -6.60
C TRP B 303 21.04 0.61 -7.02
N LYS B 304 20.69 0.57 -8.30
CA LYS B 304 19.61 1.42 -8.84
C LYS B 304 18.24 0.80 -8.63
N THR B 305 17.35 1.53 -7.95
CA THR B 305 16.02 1.04 -7.68
C THR B 305 14.91 1.93 -8.26
N GLU B 306 13.84 1.31 -8.74
CA GLU B 306 12.72 2.04 -9.29
C GLU B 306 11.57 1.10 -9.55
N MET B 307 10.35 1.63 -9.60
CA MET B 307 9.19 0.81 -9.89
C MET B 307 9.37 0.42 -11.36
N LEU B 308 8.92 -0.77 -11.72
CA LEU B 308 9.08 -1.32 -13.06
C LEU B 308 10.52 -1.77 -13.22
N GLY B 309 11.21 -1.89 -12.08
CA GLY B 309 12.59 -2.33 -12.07
C GLY B 309 12.83 -3.13 -10.81
N GLN B 310 14.03 -3.02 -10.24
CA GLN B 310 14.33 -3.75 -9.02
C GLN B 310 13.97 -2.95 -7.79
N VAL B 311 13.34 -3.63 -6.83
CA VAL B 311 12.93 -3.02 -5.58
C VAL B 311 13.37 -3.94 -4.46
N SER B 312 14.05 -3.40 -3.47
CA SER B 312 14.50 -4.20 -2.35
C SER B 312 13.36 -4.43 -1.36
N SER B 313 12.84 -5.66 -1.33
CA SER B 313 11.79 -6.01 -0.39
C SER B 313 12.26 -7.30 0.28
N SER B 314 11.72 -7.57 1.47
CA SER B 314 12.15 -8.73 2.23
C SER B 314 13.63 -8.62 2.57
N ASN B 315 14.11 -7.39 2.71
CA ASN B 315 15.51 -7.20 3.09
C ASN B 315 15.42 -7.35 4.62
N ARG B 316 16.55 -7.40 5.31
CA ARG B 316 16.53 -7.55 6.77
C ARG B 316 17.57 -6.61 7.36
N ILE B 317 17.48 -6.38 8.66
CA ILE B 317 18.41 -5.49 9.37
C ILE B 317 19.43 -6.29 10.16
N SER B 318 20.70 -6.16 9.79
CA SER B 318 21.78 -6.86 10.47
C SER B 318 22.43 -5.97 11.53
N GLY B 319 22.37 -4.67 11.34
CA GLY B 319 22.95 -3.74 12.30
C GLY B 319 22.29 -3.89 13.65
N GLU B 320 23.06 -4.25 14.68
CA GLU B 320 22.50 -4.43 16.01
C GLU B 320 22.04 -3.14 16.66
N THR B 321 22.76 -2.05 16.38
CA THR B 321 22.45 -0.76 16.97
C THR B 321 22.08 0.28 15.93
N GLY B 322 22.07 -0.13 14.66
CA GLY B 322 21.73 0.81 13.63
C GLY B 322 22.32 0.43 12.30
N PHE B 323 21.93 1.14 11.24
CA PHE B 323 22.45 0.87 9.92
C PHE B 323 22.48 2.17 9.11
N ILE B 324 23.19 2.14 7.99
CA ILE B 324 23.29 3.33 7.16
C ILE B 324 22.74 3.12 5.77
N VAL B 325 22.00 4.12 5.27
CA VAL B 325 21.50 4.04 3.91
C VAL B 325 21.75 5.38 3.25
N GLU B 326 22.47 5.35 2.13
CA GLU B 326 22.73 6.56 1.37
C GLU B 326 21.85 6.44 0.14
N CYS B 327 21.17 7.52 -0.22
CA CYS B 327 20.27 7.47 -1.37
C CYS B 327 20.39 8.75 -2.20
N SER B 328 20.29 8.60 -3.52
CA SER B 328 20.39 9.73 -4.44
C SER B 328 19.18 10.65 -4.41
N ASP B 329 18.13 10.21 -3.74
CA ASP B 329 16.89 10.98 -3.63
C ASP B 329 16.05 10.36 -2.52
N ASP B 330 15.09 11.12 -2.02
CA ASP B 330 14.21 10.61 -0.96
C ASP B 330 13.62 9.26 -1.36
N ILE B 331 13.53 8.36 -0.40
CA ILE B 331 12.95 7.06 -0.65
C ILE B 331 12.30 6.55 0.62
N VAL B 332 11.18 5.86 0.46
CA VAL B 332 10.43 5.31 1.57
C VAL B 332 11.09 4.04 2.11
N MET B 333 11.09 3.89 3.42
CA MET B 333 11.60 2.66 4.04
C MET B 333 10.58 2.19 5.06
N ASN B 334 10.34 0.88 5.08
CA ASN B 334 9.42 0.29 6.04
C ASN B 334 10.25 -0.71 6.83
N ILE B 335 9.98 -0.84 8.11
CA ILE B 335 10.66 -1.78 8.97
C ILE B 335 9.56 -2.53 9.72
N GLU B 336 9.59 -3.85 9.64
CA GLU B 336 8.58 -4.65 10.32
C GLU B 336 8.72 -4.55 11.83
N ILE B 337 7.60 -4.50 12.53
CA ILE B 337 7.59 -4.42 13.99
C ILE B 337 6.77 -5.59 14.49
N ASP B 338 7.27 -6.25 15.54
CA ASP B 338 6.59 -7.41 16.12
C ASP B 338 7.27 -7.84 17.41
#